data_5JI6
#
_entry.id   5JI6
#
_cell.length_a   88.962
_cell.length_b   100.100
_cell.length_c   99.469
_cell.angle_alpha   90.000
_cell.angle_beta   90.000
_cell.angle_gamma   90.000
#
_symmetry.space_group_name_H-M   'C 2 2 21'
#
loop_
_entity.id
_entity.type
_entity.pdbx_description
1 polymer 'Methionine aminopeptidase 2'
2 non-polymer 'MANGANESE (II) ION'
3 non-polymer 'SULFATE ION'
4 non-polymer 4-(3-methylpyridin-4-yl)-6-(trifluoromethyl)-1H-indazole
5 water water
#
_entity_poly.entity_id   1
_entity_poly.type   'polypeptide(L)'
_entity_poly.pdbx_seq_one_letter_code
;KVQTDPPSVPICDLYPNGVFPKGQECEYPPTQDGRTAAWRTTSEEKKALDQASEEIWNDFREAAEAHRQVRKYVMSWIKP
GMTMIEICEKLEDCSRKLIKENGLNAGLAFPTGCSLNNCAAHYTPNAGDTTVLQYDDICKIDFGTHISGRIIDCAFTVTF
NPKYDTLLKAVKDATNTGIKCAGIDVRLCDVGEAIQEVMESYEVEIDGKTYQVKPIRNLNGHSIGQYRIHAGKTVPIVKG
GEATRMEEGEVYAIETFGSTGKGVVHDDMECSHYMKNFDVGHVPIRLPRTKHLLNVINENFGTLAFCRRWLDRLGESKYL
MALKNLCDLGIVDPYPPLCDIKGSYTAQFEHTILLRPTCKEVVSRGDDY
;
_entity_poly.pdbx_strand_id   A
#
# COMPACT_ATOMS: atom_id res chain seq x y z
N LYS A 1 -20.00 -6.61 -21.69
CA LYS A 1 -19.76 -5.46 -20.76
C LYS A 1 -18.31 -4.95 -20.74
N VAL A 2 -18.11 -3.73 -21.21
CA VAL A 2 -16.80 -3.07 -21.19
C VAL A 2 -16.78 -1.89 -20.21
N GLN A 3 -15.59 -1.44 -19.82
CA GLN A 3 -15.47 -0.35 -18.84
C GLN A 3 -15.80 1.00 -19.44
N THR A 4 -16.39 1.88 -18.62
CA THR A 4 -16.71 3.24 -19.04
C THR A 4 -15.52 4.18 -18.86
N ASP A 5 -15.68 5.41 -19.35
CA ASP A 5 -14.66 6.43 -19.21
C ASP A 5 -15.34 7.76 -18.87
N PRO A 6 -15.20 8.23 -17.62
CA PRO A 6 -14.49 7.68 -16.46
C PRO A 6 -15.00 6.30 -16.04
N PRO A 7 -14.12 5.46 -15.45
CA PRO A 7 -14.52 4.14 -14.97
C PRO A 7 -15.63 4.24 -13.94
N SER A 8 -16.65 3.39 -14.10
CA SER A 8 -17.80 3.36 -13.20
C SER A 8 -18.42 1.97 -13.10
N VAL A 9 -18.05 1.09 -14.04
CA VAL A 9 -18.52 -0.31 -14.06
C VAL A 9 -17.67 -1.18 -13.13
N PRO A 10 -18.33 -1.84 -12.15
CA PRO A 10 -17.58 -2.66 -11.17
C PRO A 10 -16.84 -3.80 -11.84
N ILE A 11 -15.69 -4.17 -11.29
CA ILE A 11 -14.83 -5.20 -11.87
C ILE A 11 -15.55 -6.55 -12.03
N CYS A 12 -16.40 -6.90 -11.06
CA CYS A 12 -17.09 -8.19 -11.14
C CYS A 12 -18.11 -8.28 -12.29
N ASP A 13 -18.57 -7.13 -12.79
CA ASP A 13 -19.47 -7.09 -13.95
C ASP A 13 -18.70 -7.19 -15.26
N LEU A 14 -17.40 -6.93 -15.19
CA LEU A 14 -16.52 -7.03 -16.35
C LEU A 14 -16.07 -8.46 -16.56
N TYR A 15 -16.12 -9.26 -15.50
CA TYR A 15 -15.82 -10.68 -15.60
C TYR A 15 -16.96 -11.47 -14.99
N PRO A 16 -18.04 -11.65 -15.76
CA PRO A 16 -19.28 -12.25 -15.24
C PRO A 16 -19.06 -13.64 -14.61
N ASN A 17 -18.07 -14.38 -15.12
CA ASN A 17 -17.77 -15.74 -14.66
C ASN A 17 -17.11 -15.86 -13.30
N GLY A 18 -16.66 -14.74 -12.75
CA GLY A 18 -16.01 -14.70 -11.43
C GLY A 18 -14.55 -15.07 -11.48
N VAL A 19 -13.97 -15.06 -12.67
CA VAL A 19 -12.56 -15.36 -12.87
C VAL A 19 -11.79 -14.10 -13.29
N PHE A 20 -10.93 -13.61 -12.41
CA PHE A 20 -10.24 -12.34 -12.65
C PHE A 20 -8.81 -12.54 -13.14
N PRO A 21 -8.31 -11.59 -13.97
CA PRO A 21 -6.98 -11.74 -14.57
C PRO A 21 -5.88 -11.89 -13.53
N LYS A 22 -4.91 -12.76 -13.82
CA LYS A 22 -3.78 -12.95 -12.95
C LYS A 22 -2.79 -11.79 -13.07
N GLY A 23 -2.00 -11.56 -12.03
CA GLY A 23 -0.92 -10.58 -12.12
C GLY A 23 0.23 -11.16 -12.92
N GLN A 24 1.42 -10.60 -12.75
CA GLN A 24 2.60 -11.15 -13.39
C GLN A 24 3.07 -12.37 -12.60
N GLU A 25 3.22 -13.50 -13.29
CA GLU A 25 3.69 -14.74 -12.66
C GLU A 25 5.17 -14.97 -12.90
N CYS A 26 5.91 -15.22 -11.82
CA CYS A 26 7.35 -15.39 -11.90
C CYS A 26 7.78 -16.71 -11.28
N GLU A 27 8.87 -17.24 -11.80
CA GLU A 27 9.56 -18.36 -11.18
C GLU A 27 10.29 -17.82 -9.96
N TYR A 28 10.36 -18.59 -8.89
CA TYR A 28 11.08 -18.17 -7.69
C TYR A 28 12.58 -18.13 -7.96
N PRO A 29 13.32 -17.21 -7.30
CA PRO A 29 14.78 -17.17 -7.49
C PRO A 29 15.48 -18.47 -7.06
N PRO A 30 16.60 -18.82 -7.72
CA PRO A 30 17.35 -20.02 -7.36
C PRO A 30 17.93 -19.94 -5.94
N THR A 31 18.09 -21.10 -5.29
CA THR A 31 18.66 -21.15 -3.95
C THR A 31 20.17 -20.90 -3.97
N GLN A 32 20.77 -20.85 -2.79
CA GLN A 32 22.21 -20.62 -2.63
C GLN A 32 23.05 -21.73 -3.27
N ASP A 33 22.47 -22.92 -3.38
CA ASP A 33 23.10 -24.05 -4.08
C ASP A 33 23.26 -23.74 -5.56
N GLY A 34 22.44 -22.80 -6.05
CA GLY A 34 22.37 -22.47 -7.47
C GLY A 34 21.24 -23.23 -8.13
N ARG A 35 20.52 -24.03 -7.35
CA ARG A 35 19.46 -24.91 -7.85
C ARG A 35 18.19 -24.15 -8.18
N THR A 36 17.58 -24.51 -9.30
CA THR A 36 16.36 -23.86 -9.78
C THR A 36 15.12 -24.23 -8.96
N ALA A 37 14.21 -23.27 -8.82
CA ALA A 37 12.93 -23.50 -8.16
C ALA A 37 11.82 -23.77 -9.18
N ALA A 38 12.21 -24.05 -10.42
CA ALA A 38 11.29 -24.34 -11.52
C ALA A 38 10.38 -25.53 -11.27
N TRP A 39 10.89 -26.53 -10.53
CA TRP A 39 10.12 -27.73 -10.12
C TRP A 39 8.75 -27.42 -9.53
N ARG A 40 8.60 -26.27 -8.87
CA ARG A 40 7.34 -25.87 -8.26
C ARG A 40 6.20 -25.73 -9.27
N THR A 41 6.53 -25.32 -10.50
CA THR A 41 5.53 -25.09 -11.56
C THR A 41 4.83 -26.39 -11.97
N THR A 42 5.57 -27.48 -11.94
CA THR A 42 5.10 -28.73 -12.51
C THR A 42 4.79 -29.77 -11.43
N SER A 43 5.13 -29.45 -10.18
CA SER A 43 4.87 -30.32 -9.03
C SER A 43 3.39 -30.64 -8.88
N GLU A 44 3.09 -31.86 -8.45
CA GLU A 44 1.70 -32.29 -8.31
C GLU A 44 1.08 -31.77 -7.02
N GLU A 45 1.85 -31.88 -5.93
CA GLU A 45 1.45 -31.40 -4.61
C GLU A 45 1.33 -29.87 -4.55
N LYS A 46 2.22 -29.17 -5.24
CA LYS A 46 2.18 -27.71 -5.28
C LYS A 46 1.02 -27.20 -6.13
N LYS A 47 0.74 -27.86 -7.26
CA LYS A 47 -0.42 -27.52 -8.09
C LYS A 47 -1.74 -27.75 -7.36
N ALA A 48 -1.80 -28.82 -6.58
CA ALA A 48 -2.95 -29.12 -5.74
C ALA A 48 -3.13 -28.02 -4.69
N LEU A 49 -2.07 -27.77 -3.91
CA LEU A 49 -2.07 -26.73 -2.87
C LEU A 49 -2.48 -25.36 -3.41
N ASP A 50 -1.94 -25.01 -4.57
CA ASP A 50 -2.25 -23.74 -5.23
C ASP A 50 -3.72 -23.65 -5.62
N GLN A 51 -4.29 -24.77 -6.08
CA GLN A 51 -5.70 -24.83 -6.48
C GLN A 51 -6.65 -24.75 -5.26
N ALA A 52 -6.21 -25.26 -4.12
CA ALA A 52 -6.98 -25.21 -2.88
C ALA A 52 -7.30 -23.77 -2.47
N SER A 53 -6.40 -22.84 -2.81
CA SER A 53 -6.55 -21.43 -2.45
C SER A 53 -6.98 -20.53 -3.63
N GLU A 54 -7.47 -21.13 -4.71
CA GLU A 54 -7.87 -20.39 -5.91
C GLU A 54 -8.86 -19.25 -5.64
N GLU A 55 -9.85 -19.50 -4.77
CA GLU A 55 -10.84 -18.48 -4.43
C GLU A 55 -10.15 -17.26 -3.84
N ILE A 56 -9.16 -17.51 -3.00
CA ILE A 56 -8.37 -16.47 -2.35
C ILE A 56 -7.53 -15.69 -3.36
N TRP A 57 -6.74 -16.39 -4.16
CA TRP A 57 -5.93 -15.71 -5.17
C TRP A 57 -6.82 -14.90 -6.08
N ASN A 58 -7.96 -15.48 -6.41
CA ASN A 58 -8.94 -14.84 -7.27
C ASN A 58 -9.52 -13.55 -6.66
N ASP A 59 -9.73 -13.55 -5.34
CA ASP A 59 -10.13 -12.34 -4.61
C ASP A 59 -9.07 -11.22 -4.73
N PHE A 60 -7.81 -11.54 -4.45
CA PHE A 60 -6.73 -10.58 -4.63
C PHE A 60 -6.76 -10.01 -6.05
N ARG A 61 -6.98 -10.88 -7.02
CA ARG A 61 -6.97 -10.49 -8.44
C ARG A 61 -8.09 -9.50 -8.77
N GLU A 62 -9.28 -9.76 -8.25
CA GLU A 62 -10.38 -8.80 -8.38
C GLU A 62 -9.97 -7.44 -7.78
N ALA A 63 -9.47 -7.47 -6.56
CA ALA A 63 -8.99 -6.25 -5.88
C ALA A 63 -7.88 -5.55 -6.68
N ALA A 64 -6.99 -6.35 -7.27
CA ALA A 64 -5.88 -5.81 -8.05
C ALA A 64 -6.34 -5.16 -9.33
N GLU A 65 -7.39 -5.70 -9.95
CA GLU A 65 -7.86 -5.17 -11.21
C GLU A 65 -8.52 -3.82 -10.96
N ALA A 66 -9.30 -3.73 -9.89
CA ALA A 66 -9.87 -2.48 -9.46
C ALA A 66 -8.74 -1.47 -9.28
N HIS A 67 -7.67 -1.91 -8.62
CA HIS A 67 -6.55 -1.03 -8.34
C HIS A 67 -5.94 -0.49 -9.63
N ARG A 68 -5.67 -1.39 -10.60
CA ARG A 68 -5.13 -1.01 -11.91
C ARG A 68 -6.00 0.04 -12.60
N GLN A 69 -7.31 -0.19 -12.65
CA GLN A 69 -8.20 0.71 -13.39
C GLN A 69 -8.38 2.02 -12.66
N VAL A 70 -8.37 1.96 -11.33
CA VAL A 70 -8.43 3.19 -10.55
C VAL A 70 -7.18 4.05 -10.79
N ARG A 71 -6.00 3.48 -10.64
CA ARG A 71 -4.81 4.33 -10.74
C ARG A 71 -4.60 4.91 -12.13
N LYS A 72 -5.01 4.16 -13.16
CA LYS A 72 -4.91 4.63 -14.54
C LYS A 72 -5.79 5.86 -14.77
N TYR A 73 -6.99 5.82 -14.21
CA TYR A 73 -7.89 6.95 -14.24
C TYR A 73 -7.27 8.16 -13.52
N VAL A 74 -6.65 7.90 -12.37
CA VAL A 74 -6.03 8.97 -11.56
C VAL A 74 -4.89 9.66 -12.29
N MET A 75 -4.03 8.87 -12.94
CA MET A 75 -2.83 9.39 -13.61
C MET A 75 -3.25 10.32 -14.74
N SER A 76 -4.43 10.08 -15.29
CA SER A 76 -4.95 10.91 -16.38
C SER A 76 -5.51 12.26 -15.94
N TRP A 77 -5.82 12.47 -14.66
CA TRP A 77 -6.39 13.78 -14.29
C TRP A 77 -5.67 14.51 -13.14
N ILE A 78 -4.87 13.79 -12.36
CA ILE A 78 -4.12 14.41 -11.27
C ILE A 78 -3.26 15.57 -11.80
N LYS A 79 -3.48 16.76 -11.25
CA LYS A 79 -2.83 17.95 -11.76
C LYS A 79 -2.62 18.89 -10.60
N PRO A 80 -1.52 19.66 -10.62
CA PRO A 80 -1.34 20.70 -9.60
C PRO A 80 -2.47 21.71 -9.78
N GLY A 81 -2.85 22.35 -8.69
CA GLY A 81 -4.03 23.18 -8.65
C GLY A 81 -5.14 22.52 -7.88
N MET A 82 -5.20 21.19 -7.94
CA MET A 82 -6.26 20.48 -7.25
C MET A 82 -5.92 20.41 -5.79
N THR A 83 -6.93 20.49 -4.93
CA THR A 83 -6.70 20.30 -3.50
C THR A 83 -6.45 18.81 -3.24
N MET A 84 -5.70 18.50 -2.21
CA MET A 84 -5.48 17.10 -1.82
C MET A 84 -6.81 16.40 -1.50
N ILE A 85 -7.71 17.12 -0.83
CA ILE A 85 -9.07 16.60 -0.60
C ILE A 85 -9.77 16.24 -1.91
N GLU A 86 -9.74 17.14 -2.89
CA GLU A 86 -10.36 16.85 -4.19
C GLU A 86 -9.77 15.61 -4.85
N ILE A 87 -8.44 15.49 -4.81
CA ILE A 87 -7.77 14.33 -5.36
C ILE A 87 -8.23 13.07 -4.64
N CYS A 88 -8.27 13.10 -3.31
CA CYS A 88 -8.60 11.87 -2.58
C CYS A 88 -10.05 11.44 -2.78
N GLU A 89 -10.95 12.42 -2.77
CA GLU A 89 -12.37 12.08 -2.93
C GLU A 89 -12.65 11.51 -4.31
N LYS A 90 -11.92 11.99 -5.31
CA LYS A 90 -12.20 11.57 -6.70
C LYS A 90 -11.66 10.18 -6.94
N LEU A 91 -10.48 9.90 -6.41
CA LEU A 91 -9.91 8.58 -6.45
C LEU A 91 -10.87 7.63 -5.70
N GLU A 92 -11.25 8.00 -4.48
CA GLU A 92 -12.07 7.14 -3.63
C GLU A 92 -13.46 6.84 -4.21
N ASP A 93 -14.11 7.84 -4.79
CA ASP A 93 -15.37 7.61 -5.49
C ASP A 93 -15.22 6.52 -6.52
N CYS A 94 -14.17 6.61 -7.33
CA CYS A 94 -13.96 5.64 -8.40
C CYS A 94 -13.69 4.25 -7.82
N SER A 95 -12.86 4.23 -6.79
CA SER A 95 -12.51 3.02 -6.10
C SER A 95 -13.74 2.31 -5.51
N ARG A 96 -14.67 3.08 -4.95
CA ARG A 96 -15.89 2.48 -4.40
C ARG A 96 -16.73 1.81 -5.46
N LYS A 97 -16.96 2.53 -6.58
CA LYS A 97 -17.70 1.98 -7.71
C LYS A 97 -17.09 0.68 -8.23
N LEU A 98 -15.79 0.70 -8.53
CA LEU A 98 -15.16 -0.43 -9.19
C LEU A 98 -14.95 -1.62 -8.26
N ILE A 99 -14.65 -1.38 -6.99
CA ILE A 99 -14.52 -2.50 -6.08
C ILE A 99 -15.90 -3.07 -5.74
N LYS A 100 -16.96 -2.32 -6.08
CA LYS A 100 -18.34 -2.64 -5.68
C LYS A 100 -18.40 -2.78 -4.15
N GLU A 101 -18.17 -1.68 -3.48
CA GLU A 101 -18.11 -1.68 -2.03
C GLU A 101 -19.34 -2.36 -1.42
N ASN A 102 -19.10 -3.25 -0.47
CA ASN A 102 -20.18 -3.98 0.22
C ASN A 102 -19.81 -4.26 1.68
N GLY A 103 -19.98 -3.25 2.51
CA GLY A 103 -19.54 -3.30 3.89
C GLY A 103 -18.16 -3.90 3.96
N LEU A 104 -17.98 -4.83 4.89
CA LEU A 104 -16.69 -5.46 5.13
C LEU A 104 -16.31 -6.52 4.09
N ASN A 105 -17.21 -6.80 3.14
CA ASN A 105 -16.93 -7.87 2.17
C ASN A 105 -16.17 -7.41 0.94
N ALA A 106 -16.31 -6.12 0.62
CA ALA A 106 -15.59 -5.49 -0.48
C ALA A 106 -15.56 -3.99 -0.20
N GLY A 107 -14.42 -3.35 -0.45
CA GLY A 107 -14.28 -1.91 -0.21
C GLY A 107 -12.86 -1.37 -0.34
N LEU A 108 -12.62 -0.28 0.38
CA LEU A 108 -11.32 0.37 0.42
C LEU A 108 -10.55 -0.17 1.60
N ALA A 109 -9.34 -0.65 1.36
CA ALA A 109 -8.59 -1.34 2.41
C ALA A 109 -7.95 -0.40 3.44
N PHE A 110 -7.67 0.83 3.03
CA PHE A 110 -7.06 1.83 3.89
C PHE A 110 -7.16 3.17 3.17
N PRO A 111 -6.93 4.29 3.90
CA PRO A 111 -7.14 5.62 3.26
C PRO A 111 -6.12 5.91 2.17
N THR A 112 -6.49 6.79 1.26
CA THR A 112 -5.66 7.16 0.14
C THR A 112 -4.53 8.05 0.64
N GLY A 113 -3.32 7.51 0.69
CA GLY A 113 -2.14 8.31 0.98
C GLY A 113 -1.88 9.23 -0.19
N CYS A 114 -1.51 10.48 0.09
CA CYS A 114 -1.02 11.37 -0.96
C CYS A 114 0.09 12.24 -0.39
N SER A 115 0.94 11.63 0.44
CA SER A 115 2.05 12.27 1.12
C SER A 115 2.93 13.07 0.15
N LEU A 116 3.32 14.25 0.60
CA LEU A 116 4.00 15.23 -0.25
C LEU A 116 5.43 15.52 0.18
N ASN A 117 6.32 15.58 -0.82
CA ASN A 117 7.67 16.11 -0.66
C ASN A 117 8.48 15.34 0.37
N ASN A 118 8.84 16.00 1.46
CA ASN A 118 9.57 15.32 2.53
C ASN A 118 8.70 14.30 3.27
N CYS A 119 7.38 14.43 3.20
CA CYS A 119 6.56 13.42 3.86
CA CYS A 119 6.47 13.44 3.81
C CYS A 119 6.40 12.23 2.92
N ALA A 120 6.70 11.05 3.49
CA ALA A 120 6.78 9.81 2.71
C ALA A 120 5.55 8.94 2.75
N ALA A 121 4.82 8.96 3.87
CA ALA A 121 3.75 7.98 4.10
C ALA A 121 2.71 8.46 5.12
N HIS A 122 1.48 7.94 5.02
CA HIS A 122 0.44 8.10 6.02
C HIS A 122 -0.11 9.54 6.12
N TYR A 123 0.07 10.34 5.06
CA TYR A 123 -0.67 11.60 4.96
C TYR A 123 -1.89 11.46 4.06
N THR A 124 -3.07 11.72 4.62
CA THR A 124 -4.26 12.04 3.82
C THR A 124 -4.94 13.24 4.49
N PRO A 125 -5.52 14.17 3.69
CA PRO A 125 -6.13 15.35 4.28
C PRO A 125 -7.26 14.99 5.23
N ASN A 126 -7.29 15.65 6.40
CA ASN A 126 -8.45 15.68 7.29
C ASN A 126 -9.36 16.80 6.75
N ALA A 127 -10.61 16.89 7.22
CA ALA A 127 -11.52 17.97 6.79
C ALA A 127 -10.92 19.37 7.05
N GLY A 128 -11.16 20.30 6.13
CA GLY A 128 -10.65 21.67 6.28
C GLY A 128 -9.21 21.89 5.81
N ASP A 129 -8.48 20.81 5.57
CA ASP A 129 -7.14 20.88 5.00
C ASP A 129 -7.21 21.57 3.63
N THR A 130 -6.59 22.74 3.50
CA THR A 130 -6.65 23.48 2.24
C THR A 130 -5.40 23.26 1.37
N THR A 131 -4.60 22.26 1.68
CA THR A 131 -3.40 22.00 0.87
C THR A 131 -3.76 21.76 -0.59
N VAL A 132 -3.01 22.43 -1.46
CA VAL A 132 -3.14 22.27 -2.88
C VAL A 132 -1.88 21.59 -3.43
N LEU A 133 -2.05 20.64 -4.34
CA LEU A 133 -0.92 20.06 -5.08
C LEU A 133 -0.19 21.08 -5.96
N GLN A 134 1.14 21.15 -5.83
CA GLN A 134 1.94 22.13 -6.58
C GLN A 134 2.74 21.48 -7.71
N TYR A 135 3.10 22.29 -8.71
CA TYR A 135 3.84 21.79 -9.87
C TYR A 135 5.13 21.06 -9.47
N ASP A 136 5.81 21.60 -8.47
CA ASP A 136 7.07 21.03 -8.01
C ASP A 136 6.90 19.93 -6.96
N ASP A 137 5.67 19.57 -6.67
CA ASP A 137 5.40 18.57 -5.66
C ASP A 137 5.72 17.15 -6.15
N ILE A 138 6.05 16.30 -5.19
CA ILE A 138 6.30 14.90 -5.43
C ILE A 138 5.36 14.14 -4.49
N CYS A 139 4.39 13.48 -5.12
CA CYS A 139 3.20 12.97 -4.44
C CYS A 139 3.14 11.43 -4.45
N LYS A 140 3.01 10.83 -3.28
CA LYS A 140 2.97 9.38 -3.22
C LYS A 140 1.52 8.97 -3.07
N ILE A 141 0.95 8.43 -4.14
CA ILE A 141 -0.44 7.96 -4.17
C ILE A 141 -0.38 6.49 -3.73
N ASP A 142 -0.91 6.19 -2.56
CA ASP A 142 -0.83 4.83 -1.99
C ASP A 142 -2.22 4.47 -1.50
N PHE A 143 -2.90 3.59 -2.24
CA PHE A 143 -4.28 3.28 -1.89
C PHE A 143 -4.49 1.78 -2.00
N GLY A 144 -5.54 1.31 -1.32
CA GLY A 144 -5.79 -0.11 -1.18
C GLY A 144 -7.22 -0.49 -1.46
N THR A 145 -7.37 -1.66 -2.07
CA THR A 145 -8.67 -2.24 -2.29
C THR A 145 -8.64 -3.62 -1.66
N HIS A 146 -9.80 -4.13 -1.30
CA HIS A 146 -9.90 -5.51 -0.86
C HIS A 146 -11.20 -6.14 -1.30
N ILE A 147 -11.16 -7.47 -1.36
CA ILE A 147 -12.34 -8.29 -1.53
C ILE A 147 -12.16 -9.35 -0.46
N SER A 148 -13.16 -9.48 0.41
CA SER A 148 -13.13 -10.41 1.56
C SER A 148 -11.85 -10.32 2.41
N GLY A 149 -11.33 -9.10 2.57
CA GLY A 149 -10.16 -8.87 3.39
C GLY A 149 -8.86 -9.29 2.73
N ARG A 150 -8.92 -9.58 1.43
CA ARG A 150 -7.72 -9.82 0.63
C ARG A 150 -7.26 -8.48 0.06
N ILE A 151 -6.21 -7.96 0.67
CA ILE A 151 -5.83 -6.56 0.46
C ILE A 151 -4.78 -6.40 -0.63
N ILE A 152 -5.06 -5.50 -1.57
CA ILE A 152 -4.03 -4.98 -2.45
C ILE A 152 -3.49 -3.66 -1.86
N ASP A 153 -2.21 -3.69 -1.49
CA ASP A 153 -1.49 -2.48 -1.09
C ASP A 153 -0.53 -2.12 -2.23
N CYS A 154 -0.80 -1.01 -2.90
CA CYS A 154 -0.08 -0.69 -4.11
C CYS A 154 0.03 0.82 -4.29
N ALA A 155 1.21 1.29 -4.71
CA ALA A 155 1.50 2.72 -4.72
C ALA A 155 2.53 3.09 -5.77
N PHE A 156 2.39 4.33 -6.25
CA PHE A 156 3.33 4.93 -7.19
C PHE A 156 3.47 6.40 -6.82
N THR A 157 4.44 7.05 -7.44
CA THR A 157 4.76 8.43 -7.10
C THR A 157 4.42 9.33 -8.29
N VAL A 158 3.79 10.49 -8.04
CA VAL A 158 3.34 11.39 -9.10
C VAL A 158 4.16 12.68 -9.07
N THR A 159 4.72 13.05 -10.22
CA THR A 159 5.45 14.33 -10.35
C THR A 159 5.03 15.02 -11.65
N PHE A 160 5.40 16.31 -11.77
CA PHE A 160 5.11 17.06 -12.99
C PHE A 160 6.36 17.75 -13.50
N ASN A 161 7.35 17.86 -12.63
CA ASN A 161 8.63 18.47 -12.96
C ASN A 161 9.62 17.35 -13.27
N PRO A 162 10.17 17.33 -14.51
CA PRO A 162 11.09 16.28 -14.92
C PRO A 162 12.35 16.20 -14.05
N LYS A 163 12.63 17.25 -13.28
CA LYS A 163 13.79 17.21 -12.38
C LYS A 163 13.85 16.00 -11.43
N TYR A 164 12.72 15.40 -11.09
CA TYR A 164 12.71 14.21 -10.19
C TYR A 164 12.80 12.87 -10.92
N ASP A 165 12.92 12.90 -12.24
CA ASP A 165 12.77 11.64 -13.02
C ASP A 165 13.69 10.53 -12.53
N THR A 166 14.94 10.88 -12.24
CA THR A 166 15.92 9.89 -11.86
C THR A 166 15.66 9.35 -10.46
N LEU A 167 15.15 10.21 -9.57
CA LEU A 167 14.77 9.76 -8.23
C LEU A 167 13.70 8.66 -8.29
N LEU A 168 12.65 8.95 -9.07
CA LEU A 168 11.57 8.00 -9.34
C LEU A 168 12.09 6.71 -9.97
N LYS A 169 13.01 6.86 -10.93
CA LYS A 169 13.64 5.71 -11.56
C LYS A 169 14.40 4.86 -10.54
N ALA A 170 15.16 5.52 -9.68
CA ALA A 170 15.94 4.82 -8.65
C ALA A 170 15.03 3.92 -7.83
N VAL A 171 13.92 4.49 -7.40
CA VAL A 171 13.02 3.82 -6.48
C VAL A 171 12.23 2.73 -7.17
N LYS A 172 11.78 3.01 -8.39
CA LYS A 172 11.11 1.97 -9.16
C LYS A 172 12.01 0.75 -9.27
N ASP A 173 13.25 0.99 -9.64
CA ASP A 173 14.21 -0.09 -9.85
C ASP A 173 14.44 -0.82 -8.52
N ALA A 174 14.58 -0.06 -7.44
CA ALA A 174 14.77 -0.66 -6.11
C ALA A 174 13.60 -1.56 -5.73
N THR A 175 12.37 -1.07 -5.94
CA THR A 175 11.17 -1.85 -5.67
C THR A 175 11.14 -3.13 -6.50
N ASN A 176 11.47 -3.02 -7.79
CA ASN A 176 11.48 -4.18 -8.68
C ASN A 176 12.54 -5.19 -8.28
N THR A 177 13.64 -4.69 -7.74
CA THR A 177 14.73 -5.53 -7.27
C THR A 177 14.28 -6.37 -6.08
N GLY A 178 13.63 -5.73 -5.10
CA GLY A 178 13.04 -6.42 -3.96
C GLY A 178 12.06 -7.50 -4.38
N ILE A 179 11.17 -7.15 -5.31
CA ILE A 179 10.20 -8.09 -5.86
C ILE A 179 10.93 -9.29 -6.48
N LYS A 180 11.98 -9.02 -7.25
CA LYS A 180 12.81 -10.06 -7.85
C LYS A 180 13.51 -10.93 -6.79
N CYS A 181 14.16 -10.29 -5.80
CA CYS A 181 14.86 -11.01 -4.72
C CYS A 181 13.95 -11.78 -3.78
N ALA A 182 12.67 -11.39 -3.72
CA ALA A 182 11.70 -12.06 -2.85
C ALA A 182 11.30 -13.45 -3.35
N GLY A 183 11.08 -14.36 -2.42
CA GLY A 183 10.69 -15.72 -2.73
C GLY A 183 10.64 -16.58 -1.49
N ILE A 184 10.03 -17.75 -1.61
CA ILE A 184 9.96 -18.68 -0.47
C ILE A 184 11.36 -18.92 0.03
N ASP A 185 11.52 -18.96 1.36
CA ASP A 185 12.80 -19.30 1.99
C ASP A 185 13.86 -18.20 1.93
N VAL A 186 13.54 -17.07 1.29
CA VAL A 186 14.49 -15.97 1.18
C VAL A 186 14.58 -15.23 2.53
N ARG A 187 15.81 -14.89 2.92
CA ARG A 187 16.04 -14.10 4.11
C ARG A 187 15.69 -12.64 3.88
N LEU A 188 14.82 -12.12 4.75
CA LEU A 188 14.35 -10.75 4.68
C LEU A 188 15.49 -9.74 4.61
N CYS A 189 16.59 -10.00 5.32
CA CYS A 189 17.73 -9.08 5.30
C CYS A 189 18.35 -9.00 3.92
N ASP A 190 18.47 -10.17 3.26
CA ASP A 190 19.02 -10.25 1.89
C ASP A 190 18.23 -9.38 0.90
N VAL A 191 16.89 -9.42 0.98
CA VAL A 191 16.03 -8.54 0.18
C VAL A 191 16.33 -7.07 0.48
N GLY A 192 16.39 -6.75 1.78
CA GLY A 192 16.77 -5.41 2.25
C GLY A 192 18.08 -4.93 1.66
N GLU A 193 19.13 -5.71 1.82
CA GLU A 193 20.46 -5.41 1.30
C GLU A 193 20.46 -5.19 -0.22
N ALA A 194 19.76 -6.06 -0.95
CA ALA A 194 19.64 -5.99 -2.39
C ALA A 194 18.96 -4.69 -2.82
N ILE A 195 17.88 -4.35 -2.11
CA ILE A 195 17.13 -3.13 -2.33
C ILE A 195 18.04 -1.93 -2.12
N GLN A 196 18.76 -1.93 -1.01
CA GLN A 196 19.68 -0.83 -0.70
C GLN A 196 20.72 -0.64 -1.79
N GLU A 197 21.31 -1.75 -2.26
CA GLU A 197 22.40 -1.69 -3.23
C GLU A 197 21.99 -1.01 -4.54
N VAL A 198 20.77 -1.29 -4.99
CA VAL A 198 20.23 -0.73 -6.22
C VAL A 198 19.89 0.74 -6.02
N MET A 199 19.14 1.01 -4.96
CA MET A 199 18.72 2.35 -4.60
C MET A 199 19.92 3.28 -4.55
N GLU A 200 20.96 2.84 -3.86
CA GLU A 200 22.12 3.68 -3.67
C GLU A 200 23.08 3.73 -4.84
N SER A 201 22.82 2.96 -5.90
CA SER A 201 23.66 3.07 -7.11
C SER A 201 23.25 4.27 -7.95
N TYR A 202 22.17 4.95 -7.53
CA TYR A 202 21.72 6.15 -8.24
C TYR A 202 22.16 7.44 -7.55
N GLU A 203 22.59 8.39 -8.36
CA GLU A 203 22.79 9.76 -7.90
C GLU A 203 21.85 10.67 -8.69
N VAL A 204 21.36 11.73 -8.07
CA VAL A 204 20.41 12.64 -8.70
C VAL A 204 20.80 14.09 -8.45
N GLU A 205 20.41 14.96 -9.37
CA GLU A 205 20.64 16.40 -9.24
C GLU A 205 19.30 17.10 -9.30
N ILE A 206 18.95 17.77 -8.20
CA ILE A 206 17.73 18.54 -8.11
C ILE A 206 18.12 19.97 -7.76
N ASP A 207 17.80 20.90 -8.66
CA ASP A 207 18.12 22.33 -8.49
C ASP A 207 19.59 22.60 -8.11
N GLY A 208 20.51 22.07 -8.91
CA GLY A 208 21.93 22.34 -8.73
C GLY A 208 22.56 21.63 -7.54
N LYS A 209 21.80 20.77 -6.88
CA LYS A 209 22.31 19.97 -5.76
C LYS A 209 22.29 18.50 -6.10
N THR A 210 23.30 17.78 -5.64
CA THR A 210 23.40 16.33 -5.89
C THR A 210 23.20 15.51 -4.63
N TYR A 211 22.69 14.30 -4.82
CA TYR A 211 22.49 13.37 -3.72
C TYR A 211 22.66 11.96 -4.24
N GLN A 212 23.15 11.08 -3.38
CA GLN A 212 22.98 9.64 -3.57
C GLN A 212 21.63 9.28 -2.94
N VAL A 213 20.76 8.65 -3.72
CA VAL A 213 19.44 8.24 -3.22
C VAL A 213 19.60 7.26 -2.05
N LYS A 214 18.97 7.59 -0.93
CA LYS A 214 19.03 6.77 0.27
C LYS A 214 17.68 6.10 0.48
N PRO A 215 17.68 4.80 0.81
CA PRO A 215 16.43 4.21 1.27
C PRO A 215 16.03 4.81 2.61
N ILE A 216 14.73 4.89 2.88
CA ILE A 216 14.31 5.36 4.20
C ILE A 216 14.43 4.15 5.12
N ARG A 217 15.45 4.18 5.99
CA ARG A 217 15.82 2.99 6.77
C ARG A 217 14.70 2.53 7.71
N ASN A 218 13.95 3.48 8.28
CA ASN A 218 12.83 3.12 9.14
C ASN A 218 11.45 3.01 8.46
N LEU A 219 11.44 2.65 7.18
CA LEU A 219 10.21 2.24 6.50
C LEU A 219 10.47 0.91 5.82
N ASN A 220 9.40 0.12 5.61
CA ASN A 220 9.53 -1.27 5.17
C ASN A 220 8.34 -1.89 4.50
N GLY A 221 8.60 -2.85 3.61
CA GLY A 221 7.60 -3.84 3.21
C GLY A 221 7.16 -4.67 4.41
N HIS A 222 6.19 -5.56 4.17
CA HIS A 222 5.45 -6.22 5.25
C HIS A 222 4.62 -7.39 4.76
N SER A 223 4.41 -8.39 5.62
CA SER A 223 3.43 -9.45 5.35
C SER A 223 2.01 -8.87 5.42
N ILE A 224 1.13 -9.38 4.56
CA ILE A 224 -0.29 -9.06 4.59
C ILE A 224 -1.10 -10.29 5.07
N GLY A 225 -1.90 -10.10 6.11
CA GLY A 225 -2.91 -11.10 6.50
C GLY A 225 -4.31 -10.61 6.11
N GLN A 226 -5.33 -11.43 6.38
CA GLN A 226 -6.71 -11.06 6.04
C GLN A 226 -7.23 -9.96 6.95
N TYR A 227 -7.79 -8.90 6.35
CA TYR A 227 -8.22 -7.70 7.06
C TYR A 227 -7.07 -7.12 7.90
N ARG A 228 -5.86 -7.47 7.52
CA ARG A 228 -4.68 -7.15 8.31
C ARG A 228 -3.50 -6.69 7.45
N ILE A 229 -3.36 -5.38 7.33
CA ILE A 229 -2.42 -4.77 6.38
C ILE A 229 -0.96 -5.12 6.67
N HIS A 230 -0.62 -5.18 7.95
CA HIS A 230 0.69 -5.60 8.39
C HIS A 230 0.52 -6.82 9.28
N ALA A 231 0.97 -7.96 8.77
CA ALA A 231 0.72 -9.23 9.43
C ALA A 231 1.84 -9.72 10.34
N GLY A 232 2.88 -8.92 10.54
CA GLY A 232 3.90 -9.26 11.55
C GLY A 232 5.33 -9.33 11.07
N LYS A 233 5.53 -9.77 9.83
CA LYS A 233 6.88 -9.82 9.27
C LYS A 233 7.17 -8.56 8.47
N THR A 234 8.36 -8.00 8.70
CA THR A 234 8.79 -6.76 8.02
C THR A 234 9.94 -7.04 7.04
N VAL A 235 9.94 -6.31 5.93
CA VAL A 235 10.99 -6.41 4.91
C VAL A 235 11.84 -5.13 4.94
N PRO A 236 13.07 -5.23 5.49
CA PRO A 236 14.01 -4.08 5.51
C PRO A 236 14.29 -3.52 4.12
N ILE A 237 14.56 -2.22 4.07
CA ILE A 237 15.04 -1.64 2.83
C ILE A 237 16.49 -1.15 2.98
N VAL A 238 17.14 -1.62 4.06
CA VAL A 238 18.57 -1.44 4.30
C VAL A 238 19.22 -2.75 4.74
N LYS A 239 20.54 -2.83 4.56
CA LYS A 239 21.36 -3.97 5.00
C LYS A 239 21.23 -4.27 6.49
N GLY A 241 19.52 -5.69 8.55
CA GLY A 241 18.12 -6.15 8.71
C GLY A 241 18.00 -7.48 9.45
N GLU A 242 16.80 -8.08 9.38
CA GLU A 242 16.52 -9.36 10.06
C GLU A 242 16.66 -10.59 9.16
N ALA A 243 17.26 -11.65 9.71
CA ALA A 243 17.53 -12.88 8.96
C ALA A 243 16.38 -13.90 8.92
N THR A 244 15.22 -13.54 9.48
CA THR A 244 13.97 -14.29 9.32
C THR A 244 13.66 -14.51 7.84
N ARG A 245 12.98 -15.62 7.53
CA ARG A 245 12.70 -15.98 6.14
C ARG A 245 11.23 -15.95 5.76
N MET A 246 10.96 -15.52 4.52
CA MET A 246 9.64 -15.59 3.89
C MET A 246 9.22 -17.05 3.73
N GLU A 247 7.91 -17.30 3.81
CA GLU A 247 7.40 -18.67 3.80
C GLU A 247 6.29 -18.86 2.76
N GLU A 248 6.11 -20.11 2.32
CA GLU A 248 5.14 -20.48 1.29
C GLU A 248 3.73 -20.05 1.67
N GLY A 249 3.01 -19.50 0.70
CA GLY A 249 1.63 -19.12 0.90
C GLY A 249 1.45 -17.75 1.53
N GLU A 250 2.55 -17.12 1.93
CA GLU A 250 2.46 -15.77 2.50
C GLU A 250 2.18 -14.71 1.43
N VAL A 251 1.69 -13.56 1.85
CA VAL A 251 1.44 -12.42 0.95
C VAL A 251 2.24 -11.22 1.43
N TYR A 252 2.90 -10.53 0.51
CA TYR A 252 3.77 -9.42 0.90
C TYR A 252 3.49 -8.13 0.12
N ALA A 253 3.48 -7.01 0.83
CA ALA A 253 3.64 -5.71 0.20
C ALA A 253 5.15 -5.47 0.08
N ILE A 254 5.63 -5.36 -1.15
CA ILE A 254 7.05 -5.00 -1.37
C ILE A 254 7.05 -3.53 -1.75
N GLU A 255 7.49 -2.69 -0.80
CA GLU A 255 7.60 -1.25 -0.97
C GLU A 255 8.98 -0.73 -0.62
N THR A 256 9.44 0.24 -1.40
CA THR A 256 10.67 0.97 -1.09
C THR A 256 10.44 2.47 -1.12
N PHE A 257 11.24 3.17 -0.34
CA PHE A 257 11.23 4.62 -0.31
C PHE A 257 12.65 5.12 -0.49
N GLY A 258 12.82 5.97 -1.49
CA GLY A 258 14.08 6.68 -1.69
C GLY A 258 13.93 8.11 -1.19
N SER A 259 15.00 8.63 -0.59
CA SER A 259 15.00 9.99 -0.06
C SER A 259 16.27 10.75 -0.39
N THR A 260 16.12 12.06 -0.58
CA THR A 260 17.27 12.95 -0.66
C THR A 260 17.58 13.53 0.72
N GLY A 261 16.80 13.17 1.74
CA GLY A 261 17.03 13.68 3.09
C GLY A 261 17.99 12.84 3.91
N LYS A 262 17.70 12.72 5.20
CA LYS A 262 18.50 11.87 6.10
C LYS A 262 18.28 10.39 5.87
N GLY A 263 17.21 10.02 5.20
CA GLY A 263 16.86 8.61 4.99
C GLY A 263 16.21 8.01 6.23
N VAL A 264 15.59 8.88 7.05
CA VAL A 264 14.88 8.48 8.27
C VAL A 264 13.63 9.34 8.39
N VAL A 265 12.52 8.73 8.79
CA VAL A 265 11.28 9.51 9.01
C VAL A 265 10.95 9.66 10.48
N HIS A 266 10.33 10.80 10.83
CA HIS A 266 9.80 11.06 12.17
C HIS A 266 8.30 11.36 12.05
N ASP A 267 7.53 11.04 13.09
CA ASP A 267 6.11 11.41 13.16
C ASP A 267 5.98 12.92 13.09
N ASP A 268 5.19 13.43 12.16
CA ASP A 268 5.02 14.87 12.02
C ASP A 268 3.63 15.18 11.51
N MET A 269 3.18 16.42 11.68
CA MET A 269 1.87 16.92 11.19
C MET A 269 0.68 16.33 11.95
N GLU A 270 -0.53 16.72 11.56
CA GLU A 270 -1.75 16.23 12.23
C GLU A 270 -2.04 14.79 11.81
N CYS A 271 -2.51 13.96 12.73
CA CYS A 271 -2.83 12.57 12.40
C CYS A 271 -4.15 12.44 11.65
N SER A 272 -4.18 11.49 10.72
CA SER A 272 -5.38 11.28 9.92
C SER A 272 -5.72 9.80 9.83
N HIS A 273 -4.69 8.95 9.94
CA HIS A 273 -4.82 7.51 9.77
C HIS A 273 -4.97 6.84 11.11
N TYR A 274 -6.00 6.02 11.27
CA TYR A 274 -6.14 5.20 12.49
C TYR A 274 -6.54 3.79 12.10
N MET A 275 -6.30 2.84 13.00
CA MET A 275 -6.67 1.48 12.73
C MET A 275 -6.72 0.72 14.04
N LYS A 276 -7.72 -0.15 14.13
CA LYS A 276 -7.98 -0.96 15.29
C LYS A 276 -6.83 -1.95 15.50
N ASN A 277 -6.47 -2.18 16.76
CA ASN A 277 -5.41 -3.12 17.07
C ASN A 277 -5.94 -4.53 16.86
N PHE A 278 -5.41 -5.22 15.85
CA PHE A 278 -5.90 -6.55 15.45
C PHE A 278 -5.85 -7.53 16.63
N ASP A 279 -4.97 -7.24 17.58
CA ASP A 279 -4.79 -8.09 18.75
C ASP A 279 -5.66 -7.71 19.94
N VAL A 280 -6.26 -6.51 19.94
CA VAL A 280 -7.10 -6.16 21.08
C VAL A 280 -8.37 -7.00 21.06
N GLY A 281 -8.66 -7.66 22.18
CA GLY A 281 -9.88 -8.45 22.33
C GLY A 281 -11.12 -7.56 22.39
N HIS A 282 -12.20 -8.08 22.97
CA HIS A 282 -13.39 -7.25 23.18
C HIS A 282 -13.23 -6.47 24.49
N VAL A 283 -13.58 -5.18 24.45
CA VAL A 283 -13.48 -4.32 25.62
C VAL A 283 -14.82 -3.60 25.87
N PRO A 284 -15.48 -3.90 27.01
CA PRO A 284 -16.71 -3.17 27.28
C PRO A 284 -16.44 -1.67 27.46
N ILE A 285 -17.23 -0.82 26.83
CA ILE A 285 -17.09 0.62 27.05
C ILE A 285 -18.44 1.21 27.39
N ARG A 286 -18.52 1.88 28.54
CA ARG A 286 -19.71 2.63 28.94
C ARG A 286 -19.77 4.07 28.42
N LEU A 287 -18.63 4.77 28.38
CA LEU A 287 -18.58 6.16 27.87
C LEU A 287 -19.33 6.27 26.53
N PRO A 288 -20.44 7.03 26.50
CA PRO A 288 -21.36 6.92 25.38
C PRO A 288 -20.79 7.27 24.00
N ARG A 289 -20.03 8.36 23.89
CA ARG A 289 -19.47 8.79 22.59
C ARG A 289 -18.30 7.92 22.17
N THR A 290 -17.49 7.51 23.14
CA THR A 290 -16.44 6.52 22.90
C THR A 290 -17.03 5.16 22.46
N LYS A 291 -18.09 4.72 23.12
CA LYS A 291 -18.78 3.46 22.79
C LYS A 291 -19.39 3.53 21.41
N HIS A 292 -20.04 4.67 21.11
CA HIS A 292 -20.63 4.86 19.79
C HIS A 292 -19.59 4.81 18.67
N LEU A 293 -18.45 5.45 18.89
CA LEU A 293 -17.43 5.51 17.87
C LEU A 293 -16.79 4.16 17.64
N LEU A 294 -16.56 3.39 18.70
CA LEU A 294 -16.01 2.06 18.53
C LEU A 294 -16.99 1.21 17.72
N ASN A 295 -18.28 1.35 18.02
CA ASN A 295 -19.30 0.60 17.27
C ASN A 295 -19.26 0.95 15.80
N VAL A 296 -19.21 2.24 15.49
CA VAL A 296 -19.07 2.71 14.10
C VAL A 296 -17.83 2.12 13.43
N ILE A 297 -16.71 2.12 14.14
CA ILE A 297 -15.48 1.55 13.61
C ILE A 297 -15.62 0.05 13.37
N ASN A 298 -16.17 -0.66 14.35
CA ASN A 298 -16.37 -2.11 14.20
C ASN A 298 -17.29 -2.51 13.03
N GLU A 299 -18.42 -1.82 12.88
CA GLU A 299 -19.36 -2.09 11.80
C GLU A 299 -18.77 -1.76 10.45
N ASN A 300 -18.02 -0.66 10.37
CA ASN A 300 -17.55 -0.13 9.09
C ASN A 300 -16.14 -0.54 8.64
N PHE A 301 -15.21 -0.72 9.58
CA PHE A 301 -13.82 -0.95 9.18
C PHE A 301 -13.22 -2.21 9.78
N GLY A 302 -13.82 -2.70 10.85
CA GLY A 302 -13.25 -3.81 11.59
C GLY A 302 -11.80 -3.49 11.89
N THR A 303 -10.91 -4.37 11.42
CA THR A 303 -9.48 -4.21 11.63
C THR A 303 -8.78 -3.49 10.47
N LEU A 304 -9.56 -2.99 9.50
CA LEU A 304 -8.98 -2.21 8.40
C LEU A 304 -8.77 -0.77 8.82
N ALA A 305 -7.69 -0.16 8.34
CA ALA A 305 -7.42 1.24 8.64
C ALA A 305 -8.49 2.17 8.09
N PHE A 306 -8.68 3.29 8.76
CA PHE A 306 -9.63 4.30 8.33
C PHE A 306 -9.01 5.67 8.54
N CYS A 307 -9.67 6.72 8.06
CA CYS A 307 -9.25 8.09 8.34
C CYS A 307 -10.41 8.94 8.84
N ARG A 308 -10.10 10.12 9.40
CA ARG A 308 -11.14 11.03 9.89
C ARG A 308 -12.18 11.43 8.84
N ARG A 309 -11.72 11.63 7.60
CA ARG A 309 -12.66 12.00 6.49
C ARG A 309 -13.73 10.94 6.32
N TRP A 310 -13.35 9.69 6.54
CA TRP A 310 -14.29 8.59 6.40
C TRP A 310 -15.32 8.55 7.53
N LEU A 311 -14.95 9.07 8.69
CA LEU A 311 -15.93 9.28 9.76
C LEU A 311 -16.87 10.44 9.43
N ASP A 312 -16.33 11.55 8.96
CA ASP A 312 -17.19 12.66 8.53
C ASP A 312 -18.22 12.15 7.54
N ARG A 313 -17.80 11.35 6.58
CA ARG A 313 -18.73 10.97 5.51
C ARG A 313 -19.81 10.03 6.01
N LEU A 314 -19.53 9.30 7.09
CA LEU A 314 -20.53 8.48 7.77
C LEU A 314 -21.42 9.30 8.68
N GLY A 315 -21.22 10.61 8.67
CA GLY A 315 -22.08 11.54 9.37
C GLY A 315 -21.68 11.73 10.81
N GLU A 316 -20.51 11.23 11.19
CA GLU A 316 -20.05 11.39 12.55
C GLU A 316 -19.46 12.78 12.74
N SER A 317 -19.70 13.39 13.89
CA SER A 317 -19.06 14.66 14.22
C SER A 317 -18.78 14.73 15.71
N LYS A 318 -17.92 15.66 16.12
CA LYS A 318 -17.53 15.79 17.53
C LYS A 318 -17.03 14.46 18.12
N TYR A 319 -16.13 13.81 17.38
CA TYR A 319 -15.67 12.45 17.70
C TYR A 319 -14.21 12.42 18.15
N LEU A 320 -13.54 13.56 18.07
CA LEU A 320 -12.09 13.64 18.33
C LEU A 320 -11.72 13.14 19.70
N MET A 321 -12.49 13.52 20.71
CA MET A 321 -12.17 13.07 22.06
C MET A 321 -12.39 11.58 22.18
N ALA A 322 -13.49 11.09 21.59
CA ALA A 322 -13.80 9.65 21.62
C ALA A 322 -12.66 8.86 20.96
N LEU A 323 -12.17 9.39 19.84
CA LEU A 323 -11.09 8.76 19.06
C LEU A 323 -9.79 8.76 19.84
N LYS A 324 -9.50 9.87 20.51
CA LYS A 324 -8.34 9.95 21.40
C LYS A 324 -8.45 8.91 22.53
N ASN A 325 -9.62 8.82 23.15
CA ASN A 325 -9.91 7.79 24.16
C ASN A 325 -9.60 6.37 23.67
N LEU A 326 -10.13 6.02 22.50
CA LEU A 326 -9.83 4.72 21.87
C LEU A 326 -8.33 4.50 21.64
N CYS A 327 -7.62 5.53 21.17
CA CYS A 327 -6.16 5.45 21.13
C CYS A 327 -5.52 5.25 22.51
N ASP A 328 -5.93 6.05 23.49
CA ASP A 328 -5.32 5.96 24.83
C ASP A 328 -5.59 4.61 25.47
N LEU A 329 -6.76 4.04 25.22
CA LEU A 329 -7.07 2.71 25.72
C LEU A 329 -6.35 1.62 24.95
N GLY A 330 -5.72 1.99 23.84
CA GLY A 330 -4.96 1.03 23.06
C GLY A 330 -5.81 0.10 22.20
N ILE A 331 -7.06 0.47 21.99
CA ILE A 331 -7.98 -0.29 21.14
C ILE A 331 -7.76 0.14 19.68
N VAL A 332 -7.51 1.44 19.51
CA VAL A 332 -7.15 1.96 18.21
C VAL A 332 -5.71 2.48 18.29
N ASP A 333 -4.97 2.37 17.19
CA ASP A 333 -3.65 3.00 17.12
C ASP A 333 -3.68 4.11 16.08
N PRO A 334 -3.02 5.26 16.39
CA PRO A 334 -2.89 6.35 15.40
C PRO A 334 -1.68 6.12 14.49
N TYR A 335 -1.79 6.45 13.22
CA TYR A 335 -0.63 6.36 12.31
C TYR A 335 -0.33 7.70 11.64
N PRO A 336 0.38 8.59 12.36
CA PRO A 336 0.60 9.95 11.89
C PRO A 336 1.53 9.99 10.67
N PRO A 337 1.50 11.09 9.91
CA PRO A 337 2.35 11.15 8.72
C PRO A 337 3.81 10.96 9.12
N LEU A 338 4.56 10.27 8.26
CA LEU A 338 5.98 10.01 8.48
C LEU A 338 6.84 10.84 7.52
N CYS A 339 7.64 11.75 8.07
CA CYS A 339 8.39 12.71 7.26
C CYS A 339 9.89 12.70 7.52
N ASP A 340 10.65 12.81 6.43
CA ASP A 340 12.09 13.04 6.47
C ASP A 340 12.28 14.56 6.73
N ILE A 341 13.52 15.01 6.81
CA ILE A 341 13.84 16.41 7.12
C ILE A 341 13.22 17.40 6.15
N LYS A 342 12.82 18.55 6.69
CA LYS A 342 12.31 19.66 5.90
C LYS A 342 13.21 19.84 4.70
N GLY A 343 12.62 19.98 3.53
CA GLY A 343 13.39 20.25 2.33
C GLY A 343 13.85 19.02 1.54
N SER A 344 13.71 17.83 2.11
CA SER A 344 14.05 16.63 1.36
C SER A 344 12.92 16.17 0.42
N TYR A 345 13.26 15.31 -0.53
CA TYR A 345 12.29 14.71 -1.44
C TYR A 345 12.25 13.21 -1.26
N THR A 346 11.05 12.66 -1.18
CA THR A 346 10.86 11.23 -1.03
C THR A 346 9.96 10.69 -2.12
N ALA A 347 10.29 9.47 -2.57
CA ALA A 347 9.54 8.75 -3.59
C ALA A 347 9.28 7.30 -3.13
N GLN A 348 8.22 6.70 -3.67
CA GLN A 348 7.77 5.34 -3.29
C GLN A 348 7.13 4.60 -4.46
N PHE A 349 7.42 3.30 -4.53
CA PHE A 349 6.71 2.36 -5.39
C PHE A 349 6.44 1.09 -4.59
N GLU A 350 5.25 0.51 -4.80
CA GLU A 350 4.80 -0.63 -3.97
C GLU A 350 3.91 -1.58 -4.76
N HIS A 351 4.14 -2.88 -4.59
CA HIS A 351 3.28 -3.91 -5.15
C HIS A 351 2.99 -4.95 -4.08
N THR A 352 1.86 -5.64 -4.24
CA THR A 352 1.54 -6.80 -3.43
C THR A 352 1.94 -8.06 -4.21
N ILE A 353 2.58 -8.99 -3.52
CA ILE A 353 3.00 -10.23 -4.16
C ILE A 353 2.45 -11.44 -3.39
N LEU A 354 2.12 -12.49 -4.14
CA LEU A 354 1.55 -13.71 -3.60
C LEU A 354 2.58 -14.81 -3.71
N LEU A 355 3.07 -15.28 -2.56
CA LEU A 355 3.99 -16.43 -2.52
C LEU A 355 3.25 -17.75 -2.69
N ARG A 356 2.69 -17.95 -3.88
CA ARG A 356 1.98 -19.17 -4.23
C ARG A 356 2.93 -20.36 -4.27
N PRO A 357 2.43 -21.55 -3.86
CA PRO A 357 3.21 -22.79 -3.93
C PRO A 357 3.89 -23.06 -5.29
N THR A 358 3.23 -22.66 -6.37
CA THR A 358 3.70 -22.98 -7.73
C THR A 358 4.58 -21.90 -8.34
N CYS A 359 4.37 -20.65 -7.91
CA CYS A 359 5.06 -19.49 -8.48
C CYS A 359 4.86 -18.22 -7.63
N LYS A 360 5.59 -17.16 -7.99
CA LYS A 360 5.44 -15.86 -7.37
C LYS A 360 4.63 -14.95 -8.28
N GLU A 361 3.54 -14.39 -7.75
CA GLU A 361 2.66 -13.56 -8.57
C GLU A 361 2.66 -12.13 -8.08
N VAL A 362 3.14 -11.23 -8.94
CA VAL A 362 3.05 -9.78 -8.71
C VAL A 362 1.64 -9.41 -9.09
N VAL A 363 0.71 -9.68 -8.18
CA VAL A 363 -0.71 -9.64 -8.48
C VAL A 363 -1.18 -8.22 -8.92
N SER A 364 -0.52 -7.19 -8.39
CA SER A 364 -0.91 -5.81 -8.69
C SER A 364 -0.13 -5.14 -9.83
N ARG A 365 0.77 -5.88 -10.48
CA ARG A 365 1.54 -5.38 -11.63
C ARG A 365 0.61 -4.88 -12.74
N GLY A 366 1.01 -3.82 -13.42
CA GLY A 366 0.26 -3.34 -14.59
C GLY A 366 1.20 -2.97 -15.72
N ASP A 367 0.63 -2.46 -16.82
CA ASP A 367 1.39 -1.88 -17.92
C ASP A 367 2.10 -0.63 -17.46
N ASP A 368 1.56 0.01 -16.43
CA ASP A 368 2.09 1.29 -15.96
C ASP A 368 3.36 1.08 -15.11
N TYR A 369 3.28 0.20 -14.10
CA TYR A 369 4.46 -0.13 -13.28
C TYR A 369 4.21 -1.46 -12.57
#